data_7MHV
#
_entry.id   7MHV
#
_cell.length_a   129.010
_cell.length_b   51.170
_cell.length_c   74.260
_cell.angle_alpha   90.000
_cell.angle_beta   110.406
_cell.angle_gamma   90.000
#
_symmetry.space_group_name_H-M   'C 1 2 1'
#
loop_
_entity.id
_entity.type
_entity.pdbx_description
1 polymer 'Cysteine desulfurase'
2 non-polymer 1,2-ETHANEDIOL
3 non-polymer 'PHOSPHATE ION'
4 water water
#
_entity_poly.entity_id   1
_entity_poly.type   'polypeptide(L)'
_entity_poly.pdbx_seq_one_letter_code
;MAHHHHHHMAIKPIYFDYMATTPVDPRVVEQMIKYLGPEGDFGNPASATHEYGRVASMAVEQARSQIAETINASPQEIVF
TSGATEADNLAILGAARFYKNKGMHLVTMSTEHKAVLDSFHQLEKEGFQVTYLNPESDGLLDLEKLESALRLDTILVSVM
HVNNEIGVIQDIASIGELLRNRGIIFHVDAAQSAGKLPIDLSQLSVDLMSFSAH(LLP)NYGPKGVGALYVRHKPRIRLQ
PLSYGGGHEGGLRSGTLPTHQIVGMGEAFAIAEADRIPEQTRILNLRKQLWDGIRHLPAIKLNGHEHRRIAGNLNVSFVG
LNGDSLLFALSELAISTTSACSSASIQPSYVLRAIGLTDTEAQSTIRLSIGRFTSEVQIKKAIDIICTQVSRLHELSPL
;
_entity_poly.pdbx_strand_id   A
#
loop_
_chem_comp.id
_chem_comp.type
_chem_comp.name
_chem_comp.formula
EDO non-polymer 1,2-ETHANEDIOL 'C2 H6 O2'
PO4 non-polymer 'PHOSPHATE ION' 'O4 P -3'
#
# COMPACT_ATOMS: atom_id res chain seq x y z
N LYS A 12 27.73 -1.47 0.91
CA LYS A 12 26.30 -1.80 0.85
C LYS A 12 25.79 -1.74 -0.59
N PRO A 13 24.94 -2.69 -0.96
CA PRO A 13 24.23 -2.57 -2.24
C PRO A 13 23.38 -1.30 -2.25
N ILE A 14 23.08 -0.80 -3.44
CA ILE A 14 22.17 0.33 -3.55
C ILE A 14 20.75 -0.17 -3.31
N TYR A 15 20.02 0.49 -2.41
CA TYR A 15 18.67 0.04 -2.09
C TYR A 15 17.73 0.39 -3.23
N PHE A 16 17.15 -0.64 -3.85
CA PHE A 16 16.14 -0.48 -4.89
C PHE A 16 14.92 -1.32 -4.54
N ASP A 17 14.54 -1.35 -3.26
CA ASP A 17 13.42 -2.18 -2.80
C ASP A 17 12.47 -1.37 -1.94
N TYR A 18 12.21 -0.12 -2.34
CA TYR A 18 11.32 0.75 -1.59
C TYR A 18 9.90 0.21 -1.45
N MET A 19 9.46 -0.64 -2.36
CA MET A 19 8.10 -1.12 -2.19
C MET A 19 7.97 -2.21 -1.14
N ALA A 20 9.07 -2.83 -0.74
CA ALA A 20 9.06 -3.73 0.41
C ALA A 20 9.04 -2.97 1.73
N THR A 21 9.85 -1.91 1.82
CA THR A 21 9.81 -0.98 2.93
C THR A 21 10.67 0.21 2.55
N THR A 22 10.46 1.31 3.26
CA THR A 22 11.20 2.54 3.05
C THR A 22 11.96 2.83 4.33
N PRO A 23 13.06 3.56 4.24
CA PRO A 23 13.67 4.07 5.48
C PRO A 23 12.73 5.09 6.10
N VAL A 24 12.74 5.19 7.43
CA VAL A 24 12.05 6.32 8.05
C VAL A 24 12.76 7.61 7.66
N ASP A 25 12.02 8.59 7.18
CA ASP A 25 12.65 9.87 6.86
C ASP A 25 13.34 10.43 8.09
N PRO A 26 14.57 10.92 7.98
CA PRO A 26 15.25 11.46 9.18
C PRO A 26 14.44 12.54 9.90
N ARG A 27 13.67 13.35 9.18
CA ARG A 27 12.77 14.31 9.83
C ARG A 27 11.72 13.60 10.67
N VAL A 28 11.28 12.43 10.23
CA VAL A 28 10.32 11.66 11.02
C VAL A 28 11.00 11.07 12.24
N VAL A 29 12.25 10.59 12.10
CA VAL A 29 12.97 10.01 13.23
C VAL A 29 13.10 11.05 14.34
N GLU A 30 13.41 12.30 13.96
CA GLU A 30 13.64 13.33 14.96
CA GLU A 30 13.64 13.36 14.94
C GLU A 30 12.40 13.60 15.80
N GLN A 31 11.21 13.44 15.21
CA GLN A 31 9.97 13.59 15.96
C GLN A 31 9.67 12.35 16.81
N MET A 32 9.83 11.14 16.24
CA MET A 32 9.53 9.91 16.99
C MET A 32 10.31 9.83 18.30
N ILE A 33 11.58 10.25 18.28
CA ILE A 33 12.44 10.04 19.43
C ILE A 33 12.08 10.95 20.60
N LYS A 34 11.29 11.99 20.36
CA LYS A 34 10.77 12.81 21.45
C LYS A 34 9.73 12.10 22.31
N TYR A 35 9.34 10.88 21.93
CA TYR A 35 8.25 10.16 22.58
C TYR A 35 8.69 8.78 23.07
N LEU A 36 9.97 8.62 23.44
CA LEU A 36 10.50 7.32 23.81
C LEU A 36 11.06 7.32 25.22
N GLY A 37 12.19 8.00 25.47
CA GLY A 37 12.92 7.85 26.71
C GLY A 37 12.37 8.73 27.83
N PRO A 38 13.02 8.61 28.98
CA PRO A 38 12.53 9.32 30.18
C PRO A 38 12.60 10.82 30.09
N GLU A 39 13.45 11.36 29.21
CA GLU A 39 13.56 12.80 29.01
C GLU A 39 12.48 13.34 28.08
N GLY A 40 11.69 12.46 27.44
CA GLY A 40 10.71 12.85 26.47
C GLY A 40 9.29 12.66 26.96
N ASP A 41 8.35 12.69 26.01
CA ASP A 41 6.92 12.61 26.32
C ASP A 41 6.48 11.15 26.18
N PHE A 42 6.83 10.34 27.19
CA PHE A 42 6.65 8.89 27.16
C PHE A 42 5.31 8.44 27.77
N GLY A 43 4.43 9.35 28.16
CA GLY A 43 3.23 8.95 28.87
C GLY A 43 2.28 8.15 28.00
N ASN A 44 1.40 7.42 28.66
CA ASN A 44 0.42 6.59 27.95
C ASN A 44 -0.74 7.48 27.51
N PRO A 45 -1.05 7.57 26.22
CA PRO A 45 -2.12 8.48 25.78
C PRO A 45 -3.43 8.23 26.46
N ALA A 46 -3.66 7.02 26.97
CA ALA A 46 -4.90 6.71 27.67
C ALA A 46 -4.86 7.13 29.15
N SER A 47 -3.73 7.63 29.66
CA SER A 47 -3.65 8.08 31.06
C SER A 47 -4.26 9.47 31.14
N ALA A 48 -5.55 9.53 31.43
CA ALA A 48 -6.25 10.81 31.45
C ALA A 48 -5.96 11.64 32.70
N THR A 49 -5.32 11.08 33.73
CA THR A 49 -5.23 11.74 35.02
C THR A 49 -3.88 12.43 35.28
N HIS A 50 -3.04 12.65 34.28
CA HIS A 50 -1.86 13.48 34.50
C HIS A 50 -1.37 14.03 33.18
N GLU A 51 -0.44 14.99 33.25
CA GLU A 51 -0.04 15.67 32.03
C GLU A 51 0.86 14.82 31.13
N TYR A 52 1.53 13.80 31.66
CA TYR A 52 2.26 12.89 30.77
C TYR A 52 1.30 12.22 29.81
N GLY A 53 0.17 11.74 30.32
CA GLY A 53 -0.83 11.15 29.45
C GLY A 53 -1.43 12.17 28.50
N ARG A 54 -1.77 13.36 29.01
CA ARG A 54 -2.47 14.34 28.18
C ARG A 54 -1.57 14.83 27.05
N VAL A 55 -0.29 15.07 27.33
CA VAL A 55 0.64 15.49 26.29
C VAL A 55 0.79 14.41 25.23
N ALA A 56 0.84 13.14 25.64
CA ALA A 56 0.97 12.08 24.66
C ALA A 56 -0.30 11.96 23.82
N SER A 57 -1.47 12.10 24.44
CA SER A 57 -2.72 12.11 23.68
C SER A 57 -2.75 13.23 22.67
N MET A 58 -2.28 14.42 23.05
CA MET A 58 -2.29 15.54 22.12
C MET A 58 -1.42 15.24 20.90
N ALA A 59 -0.30 14.54 21.11
CA ALA A 59 0.55 14.20 19.99
C ALA A 59 -0.10 13.15 19.10
N VAL A 60 -0.79 12.20 19.72
CA VAL A 60 -1.55 11.21 18.96
C VAL A 60 -2.62 11.89 18.12
N GLU A 61 -3.36 12.81 18.73
CA GLU A 61 -4.46 13.42 18.00
C GLU A 61 -3.94 14.36 16.92
N GLN A 62 -2.80 15.01 17.15
N GLN A 62 -2.80 15.01 17.16
CA GLN A 62 -2.22 15.83 16.10
CA GLN A 62 -2.20 15.83 16.12
C GLN A 62 -1.81 14.96 14.92
C GLN A 62 -1.78 14.98 14.93
N ALA A 63 -1.25 13.78 15.19
CA ALA A 63 -0.91 12.88 14.09
C ALA A 63 -2.16 12.37 13.37
N ARG A 64 -3.24 12.15 14.11
CA ARG A 64 -4.49 11.72 13.48
C ARG A 64 -4.98 12.79 12.53
N SER A 65 -4.82 14.05 12.93
CA SER A 65 -5.22 15.16 12.08
CA SER A 65 -5.23 15.16 12.08
C SER A 65 -4.33 15.28 10.85
N GLN A 66 -3.03 15.05 11.04
CA GLN A 66 -2.11 15.12 9.90
C GLN A 66 -2.51 14.12 8.82
N ILE A 67 -2.73 12.88 9.24
CA ILE A 67 -3.14 11.84 8.29
C ILE A 67 -4.47 12.21 7.64
N ALA A 68 -5.44 12.63 8.45
CA ALA A 68 -6.76 12.94 7.92
C ALA A 68 -6.67 14.06 6.88
N GLU A 69 -5.85 15.08 7.17
CA GLU A 69 -5.74 16.20 6.25
C GLU A 69 -5.19 15.75 4.90
N THR A 70 -4.26 14.76 4.88
CA THR A 70 -3.65 14.37 3.60
C THR A 70 -4.65 13.70 2.67
N ILE A 71 -5.66 13.02 3.23
CA ILE A 71 -6.65 12.30 2.44
C ILE A 71 -8.01 12.98 2.46
N ASN A 72 -8.09 14.18 3.04
CA ASN A 72 -9.32 14.98 3.11
C ASN A 72 -10.44 14.20 3.82
N ALA A 73 -10.08 13.54 4.91
CA ALA A 73 -11.03 12.89 5.80
C ALA A 73 -11.08 13.68 7.10
N SER A 74 -12.03 13.32 7.95
CA SER A 74 -12.05 13.88 9.28
CA SER A 74 -12.07 13.87 9.30
CA SER A 74 -12.03 13.89 9.27
C SER A 74 -11.24 13.01 10.23
N PRO A 75 -10.61 13.61 11.25
CA PRO A 75 -9.82 12.80 12.19
C PRO A 75 -10.60 11.63 12.77
N GLN A 76 -11.89 11.84 13.07
CA GLN A 76 -12.67 10.78 13.69
C GLN A 76 -12.83 9.58 12.78
N GLU A 77 -12.52 9.72 11.49
CA GLU A 77 -12.64 8.60 10.56
C GLU A 77 -11.36 7.76 10.50
N ILE A 78 -10.34 8.12 11.28
CA ILE A 78 -9.03 7.44 11.24
C ILE A 78 -8.90 6.53 12.45
N VAL A 79 -8.70 5.24 12.19
CA VAL A 79 -8.49 4.20 13.22
C VAL A 79 -7.05 3.70 13.11
N PHE A 80 -6.27 3.86 14.16
CA PHE A 80 -4.88 3.41 14.09
C PHE A 80 -4.78 1.90 14.25
N THR A 81 -3.86 1.30 13.50
CA THR A 81 -3.63 -0.13 13.50
C THR A 81 -2.13 -0.40 13.61
N SER A 82 -1.77 -1.68 13.58
CA SER A 82 -0.37 -2.08 13.60
C SER A 82 0.21 -2.17 12.19
N GLY A 83 -0.54 -1.74 11.19
CA GLY A 83 -0.06 -1.79 9.81
C GLY A 83 -1.24 -1.94 8.86
N ALA A 84 -0.93 -1.89 7.56
CA ALA A 84 -1.98 -2.12 6.58
C ALA A 84 -2.49 -3.55 6.60
N THR A 85 -1.71 -4.51 7.10
CA THR A 85 -2.23 -5.86 7.25
C THR A 85 -3.42 -5.88 8.19
N GLU A 86 -3.26 -5.31 9.39
CA GLU A 86 -4.40 -5.25 10.31
C GLU A 86 -5.54 -4.43 9.74
N ALA A 87 -5.23 -3.29 9.10
CA ALA A 87 -6.28 -2.48 8.49
C ALA A 87 -7.06 -3.26 7.44
N ASP A 88 -6.35 -4.00 6.58
CA ASP A 88 -7.03 -4.82 5.58
C ASP A 88 -7.91 -5.86 6.24
N ASN A 89 -7.38 -6.53 7.28
CA ASN A 89 -8.15 -7.56 7.99
C ASN A 89 -9.39 -6.94 8.61
N LEU A 90 -9.22 -5.82 9.31
CA LEU A 90 -10.33 -5.20 10.01
C LEU A 90 -11.40 -4.71 9.04
N ALA A 91 -10.98 -4.06 7.94
CA ALA A 91 -11.94 -3.62 6.93
C ALA A 91 -12.73 -4.78 6.35
N ILE A 92 -12.03 -5.82 5.92
CA ILE A 92 -12.69 -6.88 5.15
C ILE A 92 -13.46 -7.82 6.05
N LEU A 93 -12.82 -8.37 7.09
CA LEU A 93 -13.57 -9.23 8.00
C LEU A 93 -14.63 -8.44 8.75
N GLY A 94 -14.29 -7.23 9.18
CA GLY A 94 -15.21 -6.45 9.99
C GLY A 94 -16.45 -6.02 9.23
N ALA A 95 -16.28 -5.57 7.98
CA ALA A 95 -17.45 -5.17 7.18
C ALA A 95 -18.27 -6.38 6.76
N ALA A 96 -17.61 -7.43 6.28
CA ALA A 96 -18.36 -8.60 5.82
C ALA A 96 -19.15 -9.21 6.97
N ARG A 97 -18.54 -9.32 8.14
CA ARG A 97 -19.23 -9.93 9.26
C ARG A 97 -20.33 -9.03 9.80
N PHE A 98 -20.13 -7.71 9.75
CA PHE A 98 -21.17 -6.83 10.24
C PHE A 98 -22.39 -6.82 9.32
N TYR A 99 -22.19 -6.83 8.00
CA TYR A 99 -23.28 -6.66 7.06
C TYR A 99 -23.78 -7.97 6.44
N LYS A 100 -23.41 -9.13 6.99
CA LYS A 100 -23.72 -10.39 6.33
C LYS A 100 -25.22 -10.64 6.21
N ASN A 101 -26.03 -10.05 7.09
CA ASN A 101 -27.47 -10.21 6.92
C ASN A 101 -27.98 -9.56 5.64
N LYS A 102 -27.21 -8.64 5.04
CA LYS A 102 -27.61 -8.01 3.78
C LYS A 102 -27.21 -8.82 2.55
N GLY A 103 -26.35 -9.81 2.70
CA GLY A 103 -25.82 -10.57 1.57
C GLY A 103 -24.46 -11.11 1.94
N MET A 104 -24.06 -12.18 1.25
CA MET A 104 -22.78 -12.80 1.59
C MET A 104 -21.90 -13.01 0.37
N HIS A 105 -22.13 -12.25 -0.71
CA HIS A 105 -21.26 -12.30 -1.87
C HIS A 105 -20.25 -11.16 -1.81
N LEU A 106 -19.00 -11.46 -2.14
CA LEU A 106 -17.90 -10.51 -2.08
C LEU A 106 -17.09 -10.58 -3.37
N VAL A 107 -16.44 -9.47 -3.73
CA VAL A 107 -15.65 -9.42 -4.97
C VAL A 107 -14.32 -8.75 -4.68
N THR A 108 -13.24 -9.34 -5.21
CA THR A 108 -11.93 -8.72 -5.13
C THR A 108 -11.15 -9.13 -6.39
N MET A 109 -9.86 -8.81 -6.43
CA MET A 109 -9.00 -9.21 -7.54
C MET A 109 -7.99 -10.25 -7.10
N SER A 110 -7.57 -11.09 -8.05
CA SER A 110 -6.57 -12.12 -7.79
C SER A 110 -5.18 -11.55 -7.52
N THR A 111 -4.98 -10.27 -7.83
CA THR A 111 -3.69 -9.60 -7.69
C THR A 111 -3.55 -8.84 -6.37
N GLU A 112 -4.53 -8.97 -5.47
CA GLU A 112 -4.46 -8.26 -4.20
C GLU A 112 -3.34 -8.82 -3.34
N HIS A 113 -2.86 -7.98 -2.42
CA HIS A 113 -1.88 -8.39 -1.42
C HIS A 113 -2.47 -9.52 -0.57
N LYS A 114 -1.59 -10.37 -0.02
CA LYS A 114 -2.06 -11.51 0.76
C LYS A 114 -2.91 -11.09 1.97
N ALA A 115 -2.69 -9.90 2.52
CA ALA A 115 -3.51 -9.47 3.67
C ALA A 115 -4.97 -9.33 3.28
N VAL A 116 -5.22 -9.04 2.00
CA VAL A 116 -6.58 -8.97 1.47
C VAL A 116 -7.08 -10.35 1.06
N LEU A 117 -6.30 -11.05 0.23
CA LEU A 117 -6.72 -12.38 -0.24
C LEU A 117 -6.95 -13.34 0.91
N ASP A 118 -6.06 -13.34 1.90
CA ASP A 118 -6.21 -14.30 2.98
C ASP A 118 -7.40 -13.93 3.87
N SER A 119 -7.75 -12.64 3.95
CA SER A 119 -9.00 -12.30 4.63
C SER A 119 -10.19 -12.90 3.91
N PHE A 120 -10.25 -12.74 2.60
CA PHE A 120 -11.35 -13.35 1.85
C PHE A 120 -11.31 -14.87 1.96
N HIS A 121 -10.11 -15.46 1.95
CA HIS A 121 -10.02 -16.91 2.12
C HIS A 121 -10.70 -17.35 3.42
N GLN A 122 -10.45 -16.60 4.50
CA GLN A 122 -11.12 -16.90 5.77
C GLN A 122 -12.63 -16.76 5.66
N LEU A 123 -13.12 -15.68 5.04
CA LEU A 123 -14.56 -15.51 4.92
C LEU A 123 -15.20 -16.64 4.12
N GLU A 124 -14.46 -17.23 3.17
CA GLU A 124 -15.02 -18.40 2.48
C GLU A 124 -15.29 -19.55 3.43
N LYS A 125 -14.45 -19.73 4.46
CA LYS A 125 -14.72 -20.75 5.45
C LYS A 125 -15.95 -20.42 6.29
N GLU A 126 -16.36 -19.15 6.32
CA GLU A 126 -17.53 -18.69 7.05
C GLU A 126 -18.78 -18.65 6.18
N GLY A 127 -18.70 -19.19 4.97
CA GLY A 127 -19.85 -19.26 4.09
C GLY A 127 -19.98 -18.15 3.06
N PHE A 128 -19.10 -17.15 3.09
CA PHE A 128 -19.17 -16.09 2.10
C PHE A 128 -18.78 -16.65 0.74
N GLN A 129 -19.42 -16.14 -0.32
CA GLN A 129 -19.07 -16.50 -1.68
C GLN A 129 -18.18 -15.39 -2.23
N VAL A 130 -16.99 -15.72 -2.72
CA VAL A 130 -16.04 -14.71 -3.16
C VAL A 130 -15.70 -14.93 -4.62
N THR A 131 -15.75 -13.86 -5.40
CA THR A 131 -15.35 -13.84 -6.80
C THR A 131 -14.00 -13.13 -6.84
N TYR A 132 -12.98 -13.83 -7.37
CA TYR A 132 -11.64 -13.27 -7.51
C TYR A 132 -11.43 -12.95 -8.99
N LEU A 133 -11.55 -11.67 -9.35
CA LEU A 133 -11.42 -11.27 -10.75
C LEU A 133 -9.96 -11.14 -11.15
N ASN A 134 -9.64 -11.66 -12.34
CA ASN A 134 -8.30 -11.45 -12.88
C ASN A 134 -8.22 -10.10 -13.61
N PRO A 135 -7.06 -9.45 -13.56
CA PRO A 135 -6.86 -8.26 -14.37
C PRO A 135 -6.62 -8.65 -15.82
N GLU A 136 -6.56 -7.64 -16.67
CA GLU A 136 -6.04 -7.81 -18.03
C GLU A 136 -4.52 -7.97 -17.96
N SER A 137 -3.88 -8.16 -19.12
CA SER A 137 -2.46 -8.51 -19.12
C SER A 137 -1.57 -7.34 -18.72
N ASP A 138 -2.09 -6.11 -18.75
CA ASP A 138 -1.37 -4.94 -18.27
C ASP A 138 -1.64 -4.69 -16.80
N GLY A 139 -2.35 -5.61 -16.13
CA GLY A 139 -2.60 -5.47 -14.72
C GLY A 139 -3.83 -4.67 -14.36
N LEU A 140 -4.48 -4.04 -15.32
CA LEU A 140 -5.65 -3.20 -15.05
C LEU A 140 -6.90 -4.05 -15.00
N LEU A 141 -7.75 -3.79 -14.01
CA LEU A 141 -9.07 -4.40 -13.96
C LEU A 141 -9.95 -3.89 -15.09
N ASP A 142 -10.55 -4.81 -15.84
CA ASP A 142 -11.59 -4.45 -16.79
C ASP A 142 -12.86 -4.14 -16.01
N LEU A 143 -13.26 -2.86 -15.95
CA LEU A 143 -14.40 -2.51 -15.11
C LEU A 143 -15.70 -3.11 -15.62
N GLU A 144 -15.78 -3.47 -16.91
CA GLU A 144 -16.97 -4.20 -17.36
C GLU A 144 -17.04 -5.59 -16.74
N LYS A 145 -15.89 -6.23 -16.53
CA LYS A 145 -15.86 -7.54 -15.88
C LYS A 145 -16.24 -7.40 -14.42
N LEU A 146 -15.82 -6.31 -13.79
CA LEU A 146 -16.28 -6.02 -12.43
C LEU A 146 -17.79 -5.87 -12.39
N GLU A 147 -18.34 -5.04 -13.27
CA GLU A 147 -19.79 -4.83 -13.27
C GLU A 147 -20.55 -6.14 -13.47
N SER A 148 -20.09 -6.98 -14.40
CA SER A 148 -20.76 -8.25 -14.65
C SER A 148 -20.71 -9.19 -13.46
N ALA A 149 -19.72 -9.02 -12.58
CA ALA A 149 -19.59 -9.88 -11.41
C ALA A 149 -20.48 -9.43 -10.25
N LEU A 150 -21.08 -8.26 -10.32
CA LEU A 150 -21.82 -7.76 -9.16
C LEU A 150 -23.18 -8.43 -9.12
N ARG A 151 -23.65 -8.71 -7.91
CA ARG A 151 -24.93 -9.36 -7.70
CA ARG A 151 -24.93 -9.36 -7.70
C ARG A 151 -25.78 -8.53 -6.75
N LEU A 152 -27.06 -8.85 -6.69
CA LEU A 152 -27.94 -8.15 -5.76
C LEU A 152 -27.55 -8.41 -4.31
N ASP A 153 -26.83 -9.51 -4.04
CA ASP A 153 -26.38 -9.80 -2.68
C ASP A 153 -24.89 -9.55 -2.48
N THR A 154 -24.25 -8.82 -3.38
CA THR A 154 -22.87 -8.38 -3.14
C THR A 154 -22.86 -7.26 -2.10
N ILE A 155 -22.12 -7.45 -1.00
CA ILE A 155 -22.08 -6.45 0.05
C ILE A 155 -20.76 -5.69 0.10
N LEU A 156 -19.66 -6.25 -0.43
CA LEU A 156 -18.34 -5.65 -0.29
C LEU A 156 -17.46 -5.99 -1.49
N VAL A 157 -16.67 -5.00 -1.93
CA VAL A 157 -15.66 -5.16 -2.96
C VAL A 157 -14.38 -4.54 -2.42
N SER A 158 -13.23 -5.18 -2.67
CA SER A 158 -11.94 -4.62 -2.24
C SER A 158 -11.02 -4.61 -3.46
N VAL A 159 -10.46 -3.45 -3.78
CA VAL A 159 -9.57 -3.30 -4.93
C VAL A 159 -8.48 -2.34 -4.52
N MET A 160 -7.23 -2.76 -4.69
CA MET A 160 -6.11 -1.97 -4.22
C MET A 160 -5.82 -0.82 -5.16
N HIS A 161 -5.34 0.29 -4.59
CA HIS A 161 -5.07 1.49 -5.39
C HIS A 161 -3.86 1.30 -6.28
N VAL A 162 -2.78 0.75 -5.71
CA VAL A 162 -1.53 0.52 -6.41
C VAL A 162 -1.10 -0.92 -6.11
N ASN A 163 -0.79 -1.68 -7.15
CA ASN A 163 -0.30 -3.04 -6.91
C ASN A 163 1.14 -3.03 -6.38
N ASN A 164 1.40 -3.84 -5.35
CA ASN A 164 2.74 -3.83 -4.77
C ASN A 164 3.79 -4.49 -5.65
N GLU A 165 3.41 -5.38 -6.57
CA GLU A 165 4.45 -6.01 -7.39
C GLU A 165 4.72 -5.23 -8.68
N ILE A 166 3.67 -4.90 -9.43
CA ILE A 166 3.84 -4.30 -10.76
C ILE A 166 3.44 -2.84 -10.80
N GLY A 167 3.01 -2.27 -9.67
CA GLY A 167 2.82 -0.84 -9.54
C GLY A 167 1.62 -0.26 -10.24
N VAL A 168 0.77 -1.08 -10.85
CA VAL A 168 -0.33 -0.57 -11.67
CA VAL A 168 -0.33 -0.57 -11.67
C VAL A 168 -1.39 0.09 -10.79
N ILE A 169 -2.03 1.13 -11.32
CA ILE A 169 -3.02 1.92 -10.60
C ILE A 169 -4.42 1.55 -11.08
N GLN A 170 -5.31 1.19 -10.16
CA GLN A 170 -6.69 0.93 -10.53
C GLN A 170 -7.51 2.21 -10.40
N ASP A 171 -8.59 2.26 -11.17
CA ASP A 171 -9.46 3.45 -11.24
C ASP A 171 -10.46 3.40 -10.09
N ILE A 172 -9.95 3.71 -8.88
CA ILE A 172 -10.80 3.60 -7.72
C ILE A 172 -11.91 4.64 -7.76
N ALA A 173 -11.72 5.74 -8.51
CA ALA A 173 -12.79 6.74 -8.59
C ALA A 173 -14.02 6.16 -9.28
N SER A 174 -13.83 5.53 -10.45
CA SER A 174 -15.00 4.97 -11.14
C SER A 174 -15.56 3.79 -10.38
N ILE A 175 -14.68 2.93 -9.86
CA ILE A 175 -15.14 1.78 -9.11
C ILE A 175 -16.04 2.22 -7.96
N GLY A 176 -15.55 3.19 -7.17
CA GLY A 176 -16.30 3.62 -6.00
C GLY A 176 -17.67 4.15 -6.37
N GLU A 177 -17.74 4.94 -7.44
CA GLU A 177 -19.02 5.51 -7.83
C GLU A 177 -19.98 4.43 -8.29
N LEU A 178 -19.48 3.49 -9.06
CA LEU A 178 -20.29 2.37 -9.52
C LEU A 178 -20.85 1.56 -8.36
N LEU A 179 -20.02 1.31 -7.34
CA LEU A 179 -20.45 0.50 -6.20
C LEU A 179 -21.39 1.28 -5.29
N ARG A 180 -21.12 2.56 -5.09
CA ARG A 180 -21.99 3.39 -4.26
C ARG A 180 -23.42 3.37 -4.79
N ASN A 181 -23.57 3.42 -6.12
CA ASN A 181 -24.89 3.41 -6.72
C ASN A 181 -25.65 2.12 -6.44
N ARG A 182 -24.93 1.04 -6.16
CA ARG A 182 -25.51 -0.26 -5.86
C ARG A 182 -25.57 -0.54 -4.37
N GLY A 183 -25.10 0.39 -3.53
CA GLY A 183 -25.14 0.16 -2.10
C GLY A 183 -24.13 -0.86 -1.63
N ILE A 184 -23.06 -1.04 -2.39
CA ILE A 184 -22.01 -2.01 -2.09
C ILE A 184 -20.84 -1.29 -1.43
N ILE A 185 -20.33 -1.85 -0.32
CA ILE A 185 -19.20 -1.22 0.39
C ILE A 185 -17.92 -1.38 -0.43
N PHE A 186 -17.13 -0.31 -0.53
CA PHE A 186 -15.89 -0.33 -1.29
C PHE A 186 -14.71 -0.13 -0.35
N HIS A 187 -13.84 -1.14 -0.27
CA HIS A 187 -12.59 -1.04 0.44
C HIS A 187 -11.44 -0.90 -0.55
N VAL A 188 -10.48 -0.04 -0.23
CA VAL A 188 -9.29 0.16 -1.05
C VAL A 188 -8.06 -0.02 -0.18
N ASP A 189 -7.19 -0.96 -0.55
CA ASP A 189 -5.88 -1.06 0.07
C ASP A 189 -4.98 0.01 -0.56
N ALA A 190 -4.66 1.05 0.20
CA ALA A 190 -3.87 2.17 -0.30
C ALA A 190 -2.47 2.15 0.26
N ALA A 191 -2.01 1.00 0.72
CA ALA A 191 -0.67 0.93 1.31
C ALA A 191 0.41 1.47 0.37
N GLN A 192 0.29 1.20 -0.93
CA GLN A 192 1.29 1.60 -1.91
C GLN A 192 0.97 2.89 -2.63
N SER A 193 -0.12 3.54 -2.29
CA SER A 193 -0.45 4.79 -2.96
C SER A 193 -0.42 6.01 -2.06
N ALA A 194 -0.65 5.87 -0.76
CA ALA A 194 -0.66 7.04 0.11
C ALA A 194 0.72 7.71 0.09
N GLY A 195 0.72 9.04 -0.01
CA GLY A 195 1.93 9.82 -0.15
C GLY A 195 2.47 9.93 -1.55
N LYS A 196 1.82 9.27 -2.52
CA LYS A 196 2.31 9.23 -3.88
C LYS A 196 1.25 9.66 -4.85
N LEU A 197 -0.02 9.05 -4.75
CA LEU A 197 -1.14 9.45 -5.59
C LEU A 197 -2.11 10.35 -4.82
N PRO A 198 -2.85 11.21 -5.52
CA PRO A 198 -3.89 12.01 -4.84
C PRO A 198 -4.94 11.11 -4.24
N ILE A 199 -5.38 11.44 -3.02
CA ILE A 199 -6.49 10.73 -2.36
C ILE A 199 -7.35 11.82 -1.73
N ASP A 200 -8.56 12.01 -2.25
CA ASP A 200 -9.46 13.05 -1.73
C ASP A 200 -10.78 12.35 -1.41
N LEU A 201 -10.96 12.01 -0.14
CA LEU A 201 -12.10 11.23 0.27
C LEU A 201 -13.36 12.07 0.38
N SER A 202 -13.26 13.38 0.18
CA SER A 202 -14.45 14.19 -0.01
C SER A 202 -15.02 14.04 -1.42
N GLN A 203 -14.25 13.50 -2.34
CA GLN A 203 -14.69 13.27 -3.72
C GLN A 203 -14.80 11.81 -4.08
N LEU A 204 -13.89 10.98 -3.56
CA LEU A 204 -13.85 9.56 -3.86
C LEU A 204 -14.91 8.82 -3.06
N SER A 205 -15.69 7.98 -3.73
CA SER A 205 -16.69 7.16 -3.04
C SER A 205 -16.03 5.87 -2.55
N VAL A 206 -15.19 6.03 -1.54
CA VAL A 206 -14.51 4.90 -0.91
C VAL A 206 -15.01 4.84 0.52
N ASP A 207 -15.36 3.64 0.99
CA ASP A 207 -15.91 3.48 2.33
C ASP A 207 -14.88 3.08 3.37
N LEU A 208 -13.85 2.35 2.96
CA LEU A 208 -12.83 1.83 3.86
C LEU A 208 -11.51 1.92 3.11
N MET A 209 -10.46 2.40 3.77
CA MET A 209 -9.19 2.53 3.06
C MET A 209 -8.03 2.26 4.01
N SER A 210 -7.13 1.36 3.60
CA SER A 210 -6.01 0.94 4.44
C SER A 210 -4.71 1.69 4.14
N PHE A 211 -3.93 1.97 5.19
CA PHE A 211 -2.71 2.75 5.11
C PHE A 211 -1.60 2.06 5.91
N SER A 212 -0.36 2.19 5.42
CA SER A 212 0.84 1.64 6.05
C SER A 212 1.90 2.72 6.15
N ALA A 213 2.39 2.98 7.37
CA ALA A 213 3.40 4.03 7.50
C ALA A 213 4.70 3.69 6.77
N HIS A 214 5.13 2.44 6.79
CA HIS A 214 6.51 2.19 6.35
C HIS A 214 6.62 2.07 4.83
N1 LLP A 215 -1.03 -4.11 1.35
C2 LLP A 215 -0.12 -3.73 0.44
C2' LLP A 215 -0.58 -3.47 -0.96
C3 LLP A 215 1.23 -3.57 0.79
O3 LLP A 215 2.10 -3.18 -0.17
C4 LLP A 215 1.65 -3.83 2.10
C4' LLP A 215 3.06 -3.59 2.44
C5 LLP A 215 0.68 -4.21 3.04
C6 LLP A 215 -0.62 -4.35 2.60
C5' LLP A 215 1.03 -4.54 4.47
OP4 LLP A 215 1.32 -3.35 5.16
P LLP A 215 1.96 -3.54 6.60
OP1 LLP A 215 1.10 -4.54 7.37
OP2 LLP A 215 1.92 -2.14 7.18
OP3 LLP A 215 3.39 -4.02 6.34
N LLP A 215 5.49 2.16 4.12
CA LLP A 215 5.57 2.33 2.66
CB LLP A 215 4.32 1.70 1.99
CG LLP A 215 4.12 0.21 2.31
CD LLP A 215 5.28 -0.71 1.93
CE LLP A 215 5.03 -2.23 2.21
NZ LLP A 215 3.63 -2.56 1.92
C LLP A 215 5.70 3.81 2.29
O LLP A 215 5.90 4.16 1.14
N ASN A 216 5.63 4.69 3.29
CA ASN A 216 5.59 6.15 3.06
C ASN A 216 6.57 6.86 3.99
N TYR A 217 7.70 6.22 4.28
CA TYR A 217 8.82 6.77 5.05
C TYR A 217 8.49 6.99 6.52
N GLY A 218 7.50 6.23 7.03
CA GLY A 218 7.21 6.16 8.45
C GLY A 218 7.76 4.86 9.01
N PRO A 219 7.63 4.65 10.32
CA PRO A 219 8.12 3.42 10.92
C PRO A 219 7.23 2.21 10.63
N LYS A 220 7.86 1.06 10.56
CA LYS A 220 7.15 -0.20 10.51
C LYS A 220 6.30 -0.39 11.76
N GLY A 221 5.23 -1.18 11.61
CA GLY A 221 4.44 -1.56 12.78
C GLY A 221 3.33 -0.60 13.12
N VAL A 222 2.91 0.24 12.18
CA VAL A 222 1.83 1.20 12.46
C VAL A 222 1.15 1.50 11.12
N GLY A 223 -0.17 1.55 11.18
CA GLY A 223 -0.94 1.91 10.00
C GLY A 223 -2.25 2.54 10.42
N ALA A 224 -3.17 2.68 9.48
CA ALA A 224 -4.48 3.22 9.86
C ALA A 224 -5.53 2.67 8.93
N LEU A 225 -6.77 2.64 9.40
CA LEU A 225 -7.92 2.33 8.56
C LEU A 225 -8.83 3.54 8.55
N TYR A 226 -9.08 4.08 7.35
CA TYR A 226 -10.13 5.07 7.18
C TYR A 226 -11.47 4.37 7.17
N VAL A 227 -12.40 4.86 7.99
CA VAL A 227 -13.75 4.31 8.08
C VAL A 227 -14.73 5.46 7.85
N ARG A 228 -15.43 5.44 6.71
CA ARG A 228 -16.30 6.56 6.35
C ARG A 228 -17.41 6.76 7.36
N HIS A 229 -17.60 8.02 7.76
CA HIS A 229 -18.62 8.37 8.74
C HIS A 229 -19.96 8.68 8.11
N LYS A 230 -19.99 9.11 6.85
CA LYS A 230 -21.27 9.42 6.22
C LYS A 230 -21.21 9.07 4.74
N PRO A 231 -22.04 8.12 4.27
CA PRO A 231 -22.92 7.24 5.05
C PRO A 231 -22.12 6.37 6.01
N ARG A 232 -22.65 6.17 7.21
CA ARG A 232 -21.87 5.53 8.25
C ARG A 232 -21.54 4.08 7.88
N ILE A 233 -20.28 3.73 8.02
CA ILE A 233 -19.81 2.35 7.87
C ILE A 233 -19.52 1.80 9.26
N ARG A 234 -20.13 0.67 9.60
CA ARG A 234 -19.85 -0.03 10.84
C ARG A 234 -19.00 -1.27 10.56
N LEU A 235 -18.25 -1.70 11.58
CA LEU A 235 -17.38 -2.86 11.46
C LEU A 235 -17.54 -3.70 12.71
N GLN A 236 -17.47 -5.01 12.55
CA GLN A 236 -17.37 -5.91 13.69
C GLN A 236 -15.90 -6.05 14.07
N PRO A 237 -15.46 -5.61 15.25
CA PRO A 237 -14.02 -5.49 15.49
C PRO A 237 -13.37 -6.86 15.65
N LEU A 238 -12.03 -6.87 15.50
CA LEU A 238 -11.21 -8.07 15.62
C LEU A 238 -10.39 -8.11 16.89
N SER A 239 -10.43 -7.05 17.70
CA SER A 239 -9.65 -6.95 18.94
C SER A 239 -10.53 -6.53 20.08
N TYR A 240 -10.05 -6.81 21.30
CA TYR A 240 -10.85 -6.70 22.51
C TYR A 240 -9.96 -6.19 23.63
N GLY A 241 -10.44 -5.23 24.38
CA GLY A 241 -9.60 -4.64 25.41
C GLY A 241 -9.92 -3.16 25.60
N GLY A 242 -8.85 -2.37 25.74
CA GLY A 242 -8.95 -0.97 26.08
C GLY A 242 -8.73 -0.05 24.88
N GLY A 243 -8.98 1.24 25.08
CA GLY A 243 -8.79 2.18 24.00
C GLY A 243 -9.84 3.26 23.86
N HIS A 244 -10.65 3.18 22.81
CA HIS A 244 -10.64 2.03 21.91
C HIS A 244 -10.87 2.34 20.43
N GLU A 245 -10.48 3.54 19.98
CA GLU A 245 -10.63 3.95 18.57
C GLU A 245 -12.10 3.83 18.13
N GLY A 246 -12.99 4.41 18.93
CA GLY A 246 -14.41 4.32 18.64
C GLY A 246 -14.97 2.92 18.76
N GLY A 247 -14.35 2.06 19.58
CA GLY A 247 -14.76 0.69 19.70
C GLY A 247 -14.25 -0.22 18.60
N LEU A 248 -13.52 0.31 17.61
CA LEU A 248 -13.14 -0.50 16.45
C LEU A 248 -11.76 -1.15 16.60
N ARG A 249 -10.88 -0.64 17.46
CA ARG A 249 -9.55 -1.21 17.57
C ARG A 249 -9.06 -1.02 19.01
N SER A 250 -8.94 -2.13 19.73
CA SER A 250 -8.51 -2.03 21.12
C SER A 250 -7.01 -2.22 21.26
N GLY A 251 -6.46 -1.64 22.32
CA GLY A 251 -5.04 -1.70 22.55
C GLY A 251 -4.47 -0.34 22.84
N THR A 252 -3.17 -0.33 23.13
CA THR A 252 -2.47 0.89 23.51
C THR A 252 -2.13 1.70 22.27
N LEU A 253 -2.17 3.03 22.41
CA LEU A 253 -1.81 3.89 21.30
C LEU A 253 -0.33 4.17 21.40
N PRO A 254 0.51 3.67 20.49
CA PRO A 254 1.95 3.84 20.66
C PRO A 254 2.38 5.18 20.13
N THR A 255 2.63 6.12 21.06
CA THR A 255 2.80 7.51 20.67
C THR A 255 3.88 7.70 19.62
N HIS A 256 5.06 7.10 19.82
CA HIS A 256 6.14 7.34 18.88
C HIS A 256 5.80 6.81 17.49
N GLN A 257 5.08 5.68 17.42
CA GLN A 257 4.72 5.10 16.14
C GLN A 257 3.73 6.00 15.40
N ILE A 258 2.70 6.43 16.13
CA ILE A 258 1.65 7.26 15.57
C ILE A 258 2.20 8.64 15.17
N VAL A 259 3.00 9.25 16.04
CA VAL A 259 3.67 10.51 15.68
C VAL A 259 4.47 10.33 14.39
N GLY A 260 5.21 9.23 14.31
CA GLY A 260 6.00 8.97 13.12
C GLY A 260 5.14 8.84 11.88
N MET A 261 4.02 8.12 12.00
CA MET A 261 3.14 8.00 10.84
C MET A 261 2.56 9.33 10.45
N GLY A 262 2.09 10.11 11.42
CA GLY A 262 1.51 11.41 11.07
C GLY A 262 2.51 12.33 10.40
N GLU A 263 3.73 12.40 10.92
CA GLU A 263 4.74 13.27 10.34
C GLU A 263 5.15 12.80 8.93
N ALA A 264 5.29 11.50 8.73
CA ALA A 264 5.60 10.96 7.41
C ALA A 264 4.52 11.33 6.41
N PHE A 265 3.26 11.19 6.79
CA PHE A 265 2.17 11.51 5.87
C PHE A 265 2.18 13.00 5.53
N ALA A 266 2.40 13.84 6.53
CA ALA A 266 2.41 15.29 6.28
C ALA A 266 3.56 15.67 5.35
N ILE A 267 4.74 15.11 5.58
CA ILE A 267 5.91 15.44 4.76
C ILE A 267 5.69 15.01 3.32
N ALA A 268 5.20 13.79 3.12
CA ALA A 268 5.02 13.29 1.76
C ALA A 268 3.99 14.12 1.02
N GLU A 269 2.89 14.47 1.68
CA GLU A 269 1.83 15.16 0.96
C GLU A 269 2.23 16.59 0.62
N ALA A 270 3.05 17.23 1.45
CA ALA A 270 3.46 18.61 1.19
C ALA A 270 4.30 18.76 -0.06
N ASP A 271 4.96 17.70 -0.50
CA ASP A 271 5.83 17.75 -1.67
C ASP A 271 5.52 16.63 -2.65
N ARG A 272 4.26 16.16 -2.65
CA ARG A 272 3.92 14.91 -3.33
C ARG A 272 4.17 14.98 -4.84
N ILE A 273 3.60 15.98 -5.53
CA ILE A 273 3.69 15.96 -6.99
C ILE A 273 5.11 16.22 -7.46
N PRO A 274 5.84 17.17 -6.86
CA PRO A 274 7.25 17.30 -7.27
C PRO A 274 8.06 16.06 -6.99
N GLU A 275 7.88 15.45 -5.80
CA GLU A 275 8.67 14.27 -5.50
C GLU A 275 8.34 13.13 -6.44
N GLN A 276 7.05 12.88 -6.68
CA GLN A 276 6.68 11.77 -7.55
C GLN A 276 7.13 12.00 -8.99
N THR A 277 7.08 13.25 -9.47
CA THR A 277 7.55 13.48 -10.83
C THR A 277 9.07 13.37 -10.92
N ARG A 278 9.80 13.75 -9.87
CA ARG A 278 11.24 13.50 -9.88
C ARG A 278 11.52 12.00 -9.92
N ILE A 279 10.74 11.22 -9.16
CA ILE A 279 10.96 9.78 -9.14
C ILE A 279 10.59 9.18 -10.50
N LEU A 280 9.51 9.66 -11.11
CA LEU A 280 9.15 9.18 -12.44
C LEU A 280 10.27 9.43 -13.44
N ASN A 281 10.85 10.63 -13.41
CA ASN A 281 11.96 10.92 -14.30
C ASN A 281 13.10 9.91 -14.12
N LEU A 282 13.41 9.57 -12.87
CA LEU A 282 14.48 8.62 -12.62
C LEU A 282 14.09 7.22 -13.09
N ARG A 283 12.83 6.84 -12.87
CA ARG A 283 12.39 5.52 -13.29
C ARG A 283 12.40 5.41 -14.81
N LYS A 284 11.96 6.46 -15.50
CA LYS A 284 12.03 6.45 -16.95
C LYS A 284 13.47 6.38 -17.43
N GLN A 285 14.38 7.07 -16.73
CA GLN A 285 15.79 7.02 -17.09
C GLN A 285 16.34 5.62 -16.94
N LEU A 286 16.02 4.97 -15.82
CA LEU A 286 16.43 3.58 -15.60
C LEU A 286 15.90 2.67 -16.71
N TRP A 287 14.59 2.75 -16.98
CA TRP A 287 14.00 1.90 -18.01
C TRP A 287 14.63 2.17 -19.38
N ASP A 288 14.82 3.43 -19.73
CA ASP A 288 15.41 3.73 -21.03
C ASP A 288 16.83 3.23 -21.12
N GLY A 289 17.50 3.07 -19.98
CA GLY A 289 18.87 2.57 -20.01
C GLY A 289 19.00 1.07 -20.14
N ILE A 290 17.93 0.33 -19.84
CA ILE A 290 17.99 -1.13 -19.86
C ILE A 290 17.07 -1.77 -20.88
N ARG A 291 16.18 -1.00 -21.51
CA ARG A 291 15.09 -1.61 -22.29
C ARG A 291 15.53 -2.12 -23.64
N HIS A 292 16.76 -1.89 -24.05
CA HIS A 292 17.29 -2.48 -25.28
C HIS A 292 18.03 -3.79 -25.05
N LEU A 293 18.09 -4.25 -23.81
CA LEU A 293 18.64 -5.57 -23.55
C LEU A 293 17.75 -6.64 -24.16
N PRO A 294 18.35 -7.72 -24.65
CA PRO A 294 17.56 -8.73 -25.37
C PRO A 294 16.52 -9.37 -24.47
N ALA A 295 15.32 -9.53 -25.02
CA ALA A 295 14.23 -10.29 -24.40
C ALA A 295 13.76 -9.70 -23.08
N ILE A 296 14.00 -8.42 -22.83
CA ILE A 296 13.47 -7.80 -21.60
C ILE A 296 12.02 -7.44 -21.84
N LYS A 297 11.18 -7.60 -20.81
CA LYS A 297 9.77 -7.25 -20.90
C LYS A 297 9.36 -6.47 -19.67
N LEU A 298 8.66 -5.37 -19.87
CA LEU A 298 8.09 -4.61 -18.75
C LEU A 298 6.74 -5.22 -18.37
N ASN A 299 6.51 -5.45 -17.08
CA ASN A 299 5.27 -6.06 -16.63
C ASN A 299 4.36 -5.00 -16.04
N GLY A 300 3.12 -4.96 -16.51
CA GLY A 300 2.21 -3.93 -16.02
C GLY A 300 2.23 -2.71 -16.90
N HIS A 301 1.08 -2.04 -16.95
CA HIS A 301 0.94 -0.81 -17.73
C HIS A 301 2.10 0.14 -17.43
N GLU A 302 2.64 0.75 -18.49
CA GLU A 302 3.84 1.56 -18.31
C GLU A 302 3.55 2.91 -17.67
N HIS A 303 2.36 3.48 -17.91
CA HIS A 303 2.07 4.84 -17.50
C HIS A 303 1.04 4.94 -16.39
N ARG A 304 -0.01 4.12 -16.42
CA ARG A 304 -0.96 4.01 -15.31
C ARG A 304 -0.31 3.19 -14.19
N ARG A 305 0.69 3.81 -13.58
CA ARG A 305 1.66 3.07 -12.78
C ARG A 305 2.32 4.05 -11.83
N ILE A 306 2.57 3.59 -10.60
CA ILE A 306 3.23 4.44 -9.61
C ILE A 306 4.63 4.80 -10.12
N ALA A 307 5.12 5.99 -9.74
CA ALA A 307 6.35 6.49 -10.35
C ALA A 307 7.52 5.55 -10.10
N GLY A 308 7.61 5.00 -8.91
CA GLY A 308 8.82 4.33 -8.50
C GLY A 308 8.98 2.88 -8.85
N ASN A 309 8.01 2.25 -9.52
CA ASN A 309 8.04 0.80 -9.72
C ASN A 309 8.51 0.45 -11.13
N LEU A 310 9.48 -0.46 -11.23
CA LEU A 310 9.89 -1.01 -12.51
C LEU A 310 9.96 -2.52 -12.31
N ASN A 311 9.04 -3.25 -12.92
CA ASN A 311 8.97 -4.70 -12.78
C ASN A 311 9.24 -5.29 -14.17
N VAL A 312 10.37 -5.98 -14.31
CA VAL A 312 10.84 -6.43 -15.62
C VAL A 312 11.23 -7.90 -15.59
N SER A 313 10.96 -8.58 -16.70
CA SER A 313 11.32 -9.98 -16.88
C SER A 313 12.47 -10.05 -17.87
N PHE A 314 13.48 -10.85 -17.56
CA PHE A 314 14.56 -11.13 -18.50
C PHE A 314 14.34 -12.55 -18.99
N VAL A 315 13.48 -12.67 -20.00
CA VAL A 315 13.10 -13.97 -20.54
C VAL A 315 14.34 -14.79 -20.86
N GLY A 316 14.34 -16.05 -20.42
CA GLY A 316 15.43 -16.96 -20.66
C GLY A 316 16.47 -17.02 -19.57
N LEU A 317 16.47 -16.07 -18.62
CA LEU A 317 17.46 -16.05 -17.57
C LEU A 317 16.84 -16.56 -16.27
N ASN A 318 17.71 -17.01 -15.38
CA ASN A 318 17.29 -17.60 -14.12
C ASN A 318 17.22 -16.53 -13.04
N GLY A 319 16.14 -16.54 -12.25
CA GLY A 319 15.96 -15.53 -11.23
C GLY A 319 17.03 -15.55 -10.16
N ASP A 320 17.44 -16.75 -9.73
CA ASP A 320 18.55 -16.85 -8.77
C ASP A 320 19.83 -16.30 -9.37
N SER A 321 20.08 -16.57 -10.66
CA SER A 321 21.29 -16.04 -11.26
CA SER A 321 21.27 -16.04 -11.31
C SER A 321 21.22 -14.52 -11.42
N LEU A 322 20.03 -13.97 -11.69
CA LEU A 322 19.89 -12.52 -11.75
C LEU A 322 20.16 -11.90 -10.39
N LEU A 323 19.58 -12.46 -9.34
CA LEU A 323 19.79 -11.93 -8.00
C LEU A 323 21.28 -11.87 -7.67
N PHE A 324 21.99 -12.95 -7.97
CA PHE A 324 23.42 -13.01 -7.67
C PHE A 324 24.19 -12.02 -8.53
N ALA A 325 23.95 -12.04 -9.85
CA ALA A 325 24.72 -11.19 -10.75
C ALA A 325 24.48 -9.72 -10.45
N LEU A 326 23.26 -9.37 -10.04
CA LEU A 326 22.86 -8.00 -9.74
C LEU A 326 23.03 -7.64 -8.26
N SER A 327 23.91 -8.34 -7.54
CA SER A 327 23.95 -8.20 -6.09
C SER A 327 24.40 -6.82 -5.62
N GLU A 328 25.04 -6.02 -6.48
CA GLU A 328 25.28 -4.63 -6.11
C GLU A 328 24.00 -3.81 -5.98
N LEU A 329 22.85 -4.36 -6.37
CA LEU A 329 21.55 -3.72 -6.22
C LEU A 329 20.69 -4.56 -5.28
N ALA A 330 20.04 -3.92 -4.31
CA ALA A 330 19.13 -4.62 -3.42
C ALA A 330 17.73 -4.56 -4.01
N ILE A 331 17.25 -5.70 -4.53
CA ILE A 331 16.02 -5.77 -5.32
C ILE A 331 15.24 -6.99 -4.87
N SER A 332 14.03 -7.10 -5.40
CA SER A 332 13.12 -8.20 -5.09
C SER A 332 13.05 -9.12 -6.29
N THR A 333 13.28 -10.42 -6.08
CA THR A 333 13.27 -11.41 -7.17
C THR A 333 12.51 -12.67 -6.77
N SER A 345 4.66 -14.23 -6.98
CA SER A 345 4.55 -14.94 -8.24
C SER A 345 3.08 -15.01 -8.72
N TYR A 346 2.12 -14.94 -7.80
CA TYR A 346 0.74 -15.06 -8.26
C TYR A 346 0.29 -13.81 -9.00
N VAL A 347 0.87 -12.64 -8.72
CA VAL A 347 0.51 -11.46 -9.48
C VAL A 347 0.96 -11.62 -10.93
N LEU A 348 2.18 -12.14 -11.12
CA LEU A 348 2.70 -12.31 -12.48
C LEU A 348 1.91 -13.36 -13.24
N ARG A 349 1.51 -14.45 -12.56
CA ARG A 349 0.67 -15.45 -13.21
C ARG A 349 -0.67 -14.86 -13.61
N ALA A 350 -1.23 -14.00 -12.76
CA ALA A 350 -2.54 -13.41 -13.03
C ALA A 350 -2.54 -12.57 -14.29
N ILE A 351 -1.44 -11.85 -14.56
CA ILE A 351 -1.37 -11.04 -15.78
C ILE A 351 -0.87 -11.83 -16.99
N GLY A 352 -0.62 -13.13 -16.84
CA GLY A 352 -0.42 -14.00 -17.98
C GLY A 352 0.97 -14.56 -18.15
N LEU A 353 1.92 -14.27 -17.26
CA LEU A 353 3.24 -14.85 -17.41
C LEU A 353 3.22 -16.35 -17.13
N THR A 354 4.05 -17.09 -17.84
CA THR A 354 4.25 -18.49 -17.48
C THR A 354 5.09 -18.57 -16.21
N ASP A 355 5.10 -19.77 -15.61
CA ASP A 355 6.02 -20.05 -14.51
C ASP A 355 7.43 -19.60 -14.84
N THR A 356 7.89 -19.98 -16.03
CA THR A 356 9.28 -19.73 -16.42
C THR A 356 9.53 -18.24 -16.58
N GLU A 357 8.60 -17.52 -17.23
CA GLU A 357 8.74 -16.08 -17.35
C GLU A 357 8.73 -15.42 -15.98
N ALA A 358 7.81 -15.85 -15.10
CA ALA A 358 7.68 -15.21 -13.79
C ALA A 358 8.97 -15.33 -12.98
N GLN A 359 9.64 -16.48 -13.05
CA GLN A 359 10.85 -16.64 -12.25
C GLN A 359 12.03 -15.85 -12.80
N SER A 360 11.91 -15.27 -13.99
CA SER A 360 12.96 -14.43 -14.55
C SER A 360 12.73 -12.95 -14.27
N THR A 361 11.91 -12.64 -13.29
CA THR A 361 11.39 -11.29 -13.11
C THR A 361 12.01 -10.64 -11.88
N ILE A 362 12.35 -9.37 -12.00
CA ILE A 362 12.81 -8.61 -10.84
C ILE A 362 11.94 -7.39 -10.67
N ARG A 363 11.80 -6.96 -9.41
CA ARG A 363 11.13 -5.72 -9.06
C ARG A 363 12.17 -4.73 -8.54
N LEU A 364 12.36 -3.66 -9.29
CA LEU A 364 13.18 -2.52 -8.87
C LEU A 364 12.25 -1.40 -8.44
N SER A 365 12.47 -0.84 -7.26
CA SER A 365 11.63 0.28 -6.88
C SER A 365 12.51 1.39 -6.33
N ILE A 366 12.20 2.60 -6.76
CA ILE A 366 12.98 3.83 -6.55
CA ILE A 366 13.05 3.72 -6.37
C ILE A 366 12.23 4.69 -5.53
N GLY A 367 12.97 5.49 -4.76
CA GLY A 367 12.28 6.35 -3.83
C GLY A 367 12.99 7.61 -3.46
N ARG A 368 12.65 8.13 -2.28
CA ARG A 368 13.03 9.49 -1.90
C ARG A 368 14.55 9.68 -1.83
N PHE A 369 15.29 8.63 -1.47
CA PHE A 369 16.73 8.74 -1.31
C PHE A 369 17.51 8.18 -2.50
N THR A 370 16.83 7.87 -3.60
CA THR A 370 17.53 7.43 -4.79
C THR A 370 18.09 8.64 -5.54
N SER A 371 19.37 8.59 -5.88
CA SER A 371 20.02 9.68 -6.59
C SER A 371 20.15 9.37 -8.06
N GLU A 372 20.38 10.43 -8.84
CA GLU A 372 20.69 10.27 -10.25
C GLU A 372 21.96 9.44 -10.44
N VAL A 373 22.94 9.63 -9.55
CA VAL A 373 24.18 8.86 -9.66
C VAL A 373 23.93 7.37 -9.49
N GLN A 374 23.04 7.01 -8.55
CA GLN A 374 22.67 5.61 -8.35
C GLN A 374 21.91 5.04 -9.53
N ILE A 375 21.05 5.85 -10.15
CA ILE A 375 20.34 5.41 -11.35
C ILE A 375 21.32 5.06 -12.45
N LYS A 376 22.29 5.93 -12.69
CA LYS A 376 23.29 5.65 -13.71
C LYS A 376 24.11 4.41 -13.37
N LYS A 377 24.40 4.18 -12.09
CA LYS A 377 25.12 2.97 -11.71
C LYS A 377 24.26 1.72 -11.89
N ALA A 378 22.97 1.81 -11.56
CA ALA A 378 22.07 0.69 -11.79
C ALA A 378 22.02 0.32 -13.27
N ILE A 379 21.90 1.32 -14.15
CA ILE A 379 21.86 1.03 -15.59
C ILE A 379 23.14 0.29 -16.00
N ASP A 380 24.29 0.79 -15.55
CA ASP A 380 25.56 0.14 -15.89
C ASP A 380 25.62 -1.28 -15.33
N ILE A 381 25.20 -1.47 -14.08
CA ILE A 381 25.24 -2.81 -13.48
C ILE A 381 24.32 -3.75 -14.25
N ILE A 382 23.08 -3.31 -14.52
CA ILE A 382 22.11 -4.17 -15.20
C ILE A 382 22.55 -4.46 -16.63
N CYS A 383 23.01 -3.43 -17.35
CA CYS A 383 23.50 -3.66 -18.70
C CYS A 383 24.68 -4.64 -18.70
N THR A 384 25.66 -4.40 -17.84
CA THR A 384 26.86 -5.24 -17.81
C THR A 384 26.51 -6.67 -17.43
N GLN A 385 25.74 -6.85 -16.35
CA GLN A 385 25.57 -8.18 -15.79
C GLN A 385 24.58 -9.01 -16.60
N VAL A 386 23.51 -8.39 -17.10
CA VAL A 386 22.58 -9.14 -17.94
C VAL A 386 23.24 -9.53 -19.25
N SER A 387 24.08 -8.63 -19.78
CA SER A 387 24.84 -8.98 -20.98
C SER A 387 25.70 -10.21 -20.75
N ARG A 388 26.40 -10.26 -19.59
CA ARG A 388 27.22 -11.41 -19.25
C ARG A 388 26.38 -12.68 -19.08
N LEU A 389 25.22 -12.56 -18.43
CA LEU A 389 24.36 -13.73 -18.26
C LEU A 389 23.88 -14.26 -19.61
N HIS A 390 23.62 -13.35 -20.56
CA HIS A 390 23.28 -13.79 -21.91
C HIS A 390 24.50 -14.38 -22.60
N GLU A 391 25.66 -13.75 -22.43
CA GLU A 391 26.87 -14.27 -23.04
C GLU A 391 27.24 -15.64 -22.46
N LEU A 392 27.16 -15.77 -21.13
CA LEU A 392 27.47 -17.02 -20.46
C LEU A 392 26.33 -18.03 -20.53
N SER A 393 25.20 -17.67 -21.13
CA SER A 393 24.06 -18.58 -21.26
C SER A 393 24.41 -19.76 -22.16
C1 EDO B . -7.89 9.43 -8.06
O1 EDO B . -7.61 10.81 -7.80
C2 EDO B . -7.11 8.56 -7.08
O2 EDO B . -5.69 8.76 -7.22
C1 EDO C . 0.78 18.53 -4.29
O1 EDO C . 2.14 18.08 -4.23
C2 EDO C . 0.13 18.19 -2.95
O2 EDO C . 0.81 18.91 -1.92
P PO4 D . 14.12 12.24 -5.97
O1 PO4 D . 13.43 13.52 -5.59
O2 PO4 D . 13.89 11.24 -4.86
O3 PO4 D . 15.60 12.46 -6.17
O4 PO4 D . 13.56 11.67 -7.24
P PO4 E . 5.69 -6.21 -0.85
O1 PO4 E . 4.99 -4.94 -0.43
O2 PO4 E . 5.22 -7.33 0.06
O3 PO4 E . 7.19 -6.09 -0.76
O4 PO4 E . 5.37 -6.61 -2.27
#